data_1ZXT
#
_entry.id   1ZXT
#
_cell.length_a   34.452
_cell.length_b   40.636
_cell.length_c   55.092
_cell.angle_alpha   83.54
_cell.angle_beta   89.68
_cell.angle_gamma   79.19
#
_symmetry.space_group_name_H-M   'P 1'
#
loop_
_entity.id
_entity.type
_entity.pdbx_description
1 polymer 'functional macrophage inflammatory protein 1-alpha homolog'
2 water water
#
_entity_poly.entity_id   1
_entity_poly.type   'polypeptide(L)'
_entity_poly.pdbx_seq_one_letter_code
;GSLVSYTPNSCCYGFQQHPPPVQILKEWYPTSPACPKPGVILLTKRGRQICADPSKNWVRQLMQRLPAIAHHHHHH
;
_entity_poly.pdbx_strand_id   A,B,C,D
#
# COMPACT_ATOMS: atom_id res chain seq x y z
N VAL A 4 -4.91 -9.28 3.48
CA VAL A 4 -5.10 -7.84 3.01
C VAL A 4 -6.62 -7.51 3.24
N SER A 5 -6.87 -6.55 4.15
CA SER A 5 -8.22 -6.15 4.47
C SER A 5 -8.93 -5.61 3.23
N TYR A 6 -8.17 -5.14 2.22
CA TYR A 6 -8.80 -4.68 0.96
C TYR A 6 -8.66 -5.62 -0.25
N THR A 7 -8.50 -6.90 -0.05
CA THR A 7 -8.46 -7.81 -1.12
C THR A 7 -9.83 -8.10 -1.73
N PRO A 8 -9.84 -8.43 -3.01
CA PRO A 8 -11.10 -8.83 -3.62
C PRO A 8 -11.46 -10.20 -3.14
N ASN A 9 -12.76 -10.52 -3.24
CA ASN A 9 -13.37 -11.78 -2.86
C ASN A 9 -13.86 -12.55 -4.06
N SER A 10 -13.59 -13.86 -4.07
CA SER A 10 -14.02 -14.72 -5.16
C SER A 10 -15.44 -15.29 -4.80
N CYS A 11 -16.43 -15.02 -5.67
CA CYS A 11 -17.81 -15.38 -5.42
C CYS A 11 -18.38 -15.96 -6.67
N CYS A 12 -19.35 -16.83 -6.49
CA CYS A 12 -20.14 -17.30 -7.59
C CYS A 12 -21.35 -16.45 -7.85
N TYR A 13 -21.49 -15.96 -9.09
CA TYR A 13 -22.71 -15.27 -9.55
C TYR A 13 -23.27 -16.18 -10.64
N GLY A 14 -24.15 -17.06 -10.23
CA GLY A 14 -24.60 -18.15 -11.07
C GLY A 14 -24.00 -19.47 -10.64
N PHE A 15 -24.83 -20.47 -10.55
CA PHE A 15 -24.32 -21.81 -10.30
C PHE A 15 -24.61 -22.74 -11.43
N GLN A 16 -23.72 -23.69 -11.61
CA GLN A 16 -23.93 -24.87 -12.49
C GLN A 16 -25.07 -25.75 -11.93
N GLN A 17 -26.14 -25.83 -12.72
CA GLN A 17 -27.33 -26.58 -12.33
C GLN A 17 -27.25 -28.07 -12.57
N HIS A 18 -26.45 -28.51 -13.54
CA HIS A 18 -26.35 -29.91 -13.89
C HIS A 18 -25.05 -30.43 -13.39
N PRO A 19 -25.12 -31.50 -12.60
CA PRO A 19 -23.94 -32.17 -12.09
C PRO A 19 -22.88 -32.48 -13.12
N PRO A 20 -21.62 -32.13 -12.81
CA PRO A 20 -20.48 -32.55 -13.64
C PRO A 20 -20.18 -34.03 -13.48
N PRO A 21 -19.38 -34.59 -14.41
CA PRO A 21 -18.87 -35.92 -14.24
C PRO A 21 -17.89 -36.04 -13.05
N VAL A 22 -18.19 -36.93 -12.14
CA VAL A 22 -17.39 -37.13 -10.97
C VAL A 22 -15.94 -37.44 -11.38
N GLN A 23 -15.73 -38.15 -12.48
CA GLN A 23 -14.39 -38.60 -12.84
C GLN A 23 -13.45 -37.42 -13.07
N ILE A 24 -13.96 -36.23 -13.32
CA ILE A 24 -13.06 -35.13 -13.65
C ILE A 24 -12.77 -34.29 -12.41
N LEU A 25 -13.52 -34.55 -11.32
CA LEU A 25 -13.41 -33.73 -10.10
C LEU A 25 -12.24 -34.20 -9.21
N LYS A 26 -11.49 -33.18 -8.77
CA LYS A 26 -10.30 -33.27 -7.93
C LYS A 26 -10.55 -33.00 -6.42
N GLU A 27 -11.23 -31.92 -6.10
CA GLU A 27 -11.35 -31.40 -4.75
C GLU A 27 -12.39 -30.31 -4.77
N TRP A 28 -12.77 -29.78 -3.59
CA TRP A 28 -13.62 -28.65 -3.51
C TRP A 28 -13.15 -27.68 -2.44
N TYR A 29 -13.63 -26.45 -2.51
CA TYR A 29 -13.42 -25.45 -1.46
C TYR A 29 -14.56 -24.45 -1.56
N PRO A 30 -14.90 -23.84 -0.43
CA PRO A 30 -15.96 -22.82 -0.43
C PRO A 30 -15.47 -21.47 -1.01
N THR A 31 -16.39 -20.67 -1.49
CA THR A 31 -16.09 -19.37 -1.86
C THR A 31 -16.06 -18.52 -0.55
N SER A 32 -15.74 -17.23 -0.66
CA SER A 32 -15.62 -16.36 0.48
C SER A 32 -16.92 -16.20 1.29
N PRO A 33 -16.82 -16.08 2.62
CA PRO A 33 -18.03 -15.82 3.45
C PRO A 33 -18.60 -14.47 3.14
N ALA A 34 -17.85 -13.62 2.47
CA ALA A 34 -18.31 -12.20 2.09
C ALA A 34 -19.31 -12.21 0.92
N CYS A 35 -19.40 -13.36 0.26
CA CYS A 35 -20.26 -13.45 -0.93
C CYS A 35 -21.74 -13.44 -0.58
N PRO A 36 -22.60 -12.84 -1.44
CA PRO A 36 -24.04 -12.78 -1.14
C PRO A 36 -24.71 -14.11 -1.11
N LYS A 37 -24.38 -15.04 -2.00
CA LYS A 37 -24.89 -16.38 -1.93
C LYS A 37 -23.72 -17.31 -1.69
N PRO A 38 -23.79 -18.12 -0.65
CA PRO A 38 -22.74 -19.11 -0.38
C PRO A 38 -22.54 -20.10 -1.54
N GLY A 39 -21.29 -20.31 -1.88
CA GLY A 39 -20.89 -21.16 -2.97
C GLY A 39 -19.82 -22.12 -2.60
N VAL A 40 -19.64 -23.08 -3.45
CA VAL A 40 -18.45 -23.98 -3.43
C VAL A 40 -17.90 -24.04 -4.82
N ILE A 41 -16.58 -24.22 -4.90
CA ILE A 41 -15.93 -24.60 -6.16
C ILE A 41 -15.69 -26.07 -6.19
N LEU A 42 -16.18 -26.72 -7.25
CA LEU A 42 -15.74 -28.06 -7.61
C LEU A 42 -14.63 -27.92 -8.60
N LEU A 43 -13.43 -28.26 -8.18
CA LEU A 43 -12.24 -28.03 -9.01
C LEU A 43 -11.92 -29.26 -9.80
N THR A 44 -11.78 -29.10 -11.10
CA THR A 44 -11.51 -30.34 -11.90
C THR A 44 -10.04 -30.62 -11.98
N LYS A 45 -9.70 -31.85 -12.38
CA LYS A 45 -8.31 -32.29 -12.62
C LYS A 45 -7.55 -31.35 -13.60
N ARG A 46 -8.27 -30.84 -14.60
CA ARG A 46 -7.70 -29.86 -15.53
C ARG A 46 -7.65 -28.42 -14.98
N GLY A 47 -8.13 -28.21 -13.76
CA GLY A 47 -8.11 -26.89 -13.08
C GLY A 47 -9.26 -25.94 -13.31
N ARG A 48 -10.34 -26.46 -13.91
CA ARG A 48 -11.54 -25.71 -14.11
C ARG A 48 -12.27 -25.53 -12.80
N GLN A 49 -12.70 -24.30 -12.51
CA GLN A 49 -13.42 -23.94 -11.31
C GLN A 49 -14.90 -23.91 -11.66
N ILE A 50 -15.64 -24.88 -11.11
CA ILE A 50 -17.06 -25.03 -11.35
C ILE A 50 -17.79 -24.52 -10.11
N CYS A 51 -18.54 -23.44 -10.29
CA CYS A 51 -19.45 -22.89 -9.24
C CYS A 51 -20.64 -23.82 -8.98
N ALA A 52 -20.81 -24.24 -7.73
CA ALA A 52 -21.93 -25.08 -7.35
C ALA A 52 -22.53 -24.61 -6.01
N ASP A 53 -23.82 -24.86 -5.88
CA ASP A 53 -24.66 -24.40 -4.80
C ASP A 53 -24.79 -25.41 -3.66
N PRO A 54 -24.13 -25.15 -2.51
CA PRO A 54 -24.11 -26.10 -1.41
C PRO A 54 -25.45 -26.27 -0.72
N SER A 55 -26.44 -25.48 -1.08
CA SER A 55 -27.83 -25.74 -0.66
C SER A 55 -28.51 -26.85 -1.39
N LYS A 56 -27.89 -27.34 -2.45
CA LYS A 56 -28.40 -28.48 -3.18
C LYS A 56 -27.84 -29.79 -2.69
N ASN A 57 -28.73 -30.74 -2.46
CA ASN A 57 -28.29 -32.03 -1.99
C ASN A 57 -27.26 -32.73 -2.90
N TRP A 58 -27.46 -32.66 -4.21
CA TRP A 58 -26.49 -33.32 -5.09
C TRP A 58 -25.06 -32.71 -4.96
N VAL A 59 -24.98 -31.43 -4.71
CA VAL A 59 -23.67 -30.78 -4.50
C VAL A 59 -23.01 -31.22 -3.17
N ARG A 60 -23.81 -31.31 -2.11
CA ARG A 60 -23.29 -31.80 -0.86
C ARG A 60 -22.78 -33.22 -1.00
N GLN A 61 -23.43 -34.02 -1.84
CA GLN A 61 -23.04 -35.41 -1.97
C GLN A 61 -21.73 -35.52 -2.70
N LEU A 62 -21.52 -34.70 -3.72
CA LEU A 62 -20.21 -34.65 -4.38
C LEU A 62 -19.14 -34.15 -3.45
N MET A 63 -19.49 -33.14 -2.66
CA MET A 63 -18.57 -32.54 -1.71
C MET A 63 -18.03 -33.64 -0.77
N GLN A 64 -18.96 -34.41 -0.20
CA GLN A 64 -18.62 -35.56 0.62
C GLN A 64 -17.62 -36.53 -0.01
N ARG A 65 -17.76 -36.78 -1.31
CA ARG A 65 -16.87 -37.70 -2.01
C ARG A 65 -15.51 -37.07 -2.34
N LEU A 66 -15.29 -35.76 -2.08
CA LEU A 66 -14.07 -35.10 -2.57
C LEU A 66 -13.32 -34.53 -1.39
N PRO A 67 -12.01 -34.41 -1.49
CA PRO A 67 -11.25 -33.74 -0.47
C PRO A 67 -11.50 -32.28 -0.44
N ALA A 68 -11.59 -31.67 0.76
CA ALA A 68 -11.73 -30.25 0.86
C ALA A 68 -10.34 -29.69 1.00
N ILE A 69 -9.93 -28.85 0.03
CA ILE A 69 -8.57 -28.41 -0.09
C ILE A 69 -8.54 -26.94 -0.39
N ALA A 70 -7.93 -26.18 0.50
CA ALA A 70 -7.89 -24.71 0.32
C ALA A 70 -7.11 -24.40 -0.97
N HIS A 71 -7.64 -23.46 -1.76
CA HIS A 71 -6.96 -23.03 -3.00
C HIS A 71 -5.81 -22.02 -2.73
N HIS A 72 -6.03 -21.08 -1.82
CA HIS A 72 -5.05 -20.02 -1.51
C HIS A 72 -4.74 -19.84 0.00
N VAL B 4 -14.87 -22.28 -17.24
CA VAL B 4 -16.38 -22.33 -17.45
C VAL B 4 -17.00 -20.92 -17.59
N SER B 5 -18.23 -20.92 -18.07
CA SER B 5 -19.06 -19.74 -17.87
C SER B 5 -19.68 -19.82 -16.47
N TYR B 6 -19.63 -21.00 -15.82
CA TYR B 6 -19.84 -21.06 -14.33
C TYR B 6 -18.60 -20.93 -13.45
N THR B 7 -17.63 -20.08 -13.80
CA THR B 7 -16.50 -19.84 -12.98
C THR B 7 -16.83 -18.75 -11.97
N PRO B 8 -16.12 -18.68 -10.86
CA PRO B 8 -16.31 -17.55 -9.99
C PRO B 8 -15.63 -16.29 -10.50
N ASN B 9 -16.05 -15.15 -9.95
CA ASN B 9 -15.50 -13.85 -10.25
C ASN B 9 -14.89 -13.18 -9.02
N SER B 10 -13.75 -12.55 -9.21
CA SER B 10 -13.08 -11.79 -8.18
C SER B 10 -13.54 -10.31 -8.15
N CYS B 11 -14.25 -9.93 -7.08
CA CYS B 11 -14.87 -8.62 -7.01
C CYS B 11 -14.51 -7.92 -5.70
N CYS B 12 -14.63 -6.60 -5.73
CA CYS B 12 -14.29 -5.83 -4.54
C CYS B 12 -15.53 -5.60 -3.74
N TYR B 13 -15.51 -6.03 -2.48
CA TYR B 13 -16.53 -5.69 -1.49
C TYR B 13 -15.80 -4.74 -0.50
N GLY B 14 -16.03 -3.47 -0.67
CA GLY B 14 -15.26 -2.48 0.08
C GLY B 14 -13.95 -2.14 -0.60
N PHE B 15 -13.53 -0.92 -0.34
CA PHE B 15 -12.43 -0.33 -1.02
C PHE B 15 -11.51 0.39 0.00
N GLN B 16 -10.21 0.39 -0.32
CA GLN B 16 -9.34 1.32 0.41
C GLN B 16 -9.69 2.75 -0.03
N GLN B 17 -10.07 3.58 0.93
CA GLN B 17 -10.52 4.93 0.60
C GLN B 17 -9.54 6.03 0.77
N HIS B 18 -8.34 5.75 1.20
CA HIS B 18 -7.23 6.72 1.12
C HIS B 18 -6.04 6.14 0.36
N PRO B 19 -5.43 6.98 -0.45
CA PRO B 19 -4.43 6.52 -1.37
C PRO B 19 -3.31 5.76 -0.67
N PRO B 20 -2.93 4.65 -1.25
CA PRO B 20 -1.68 4.05 -0.81
C PRO B 20 -0.50 4.85 -1.37
N PRO B 21 0.68 4.61 -0.83
CA PRO B 21 1.91 5.29 -1.30
C PRO B 21 2.11 4.87 -2.75
N VAL B 22 2.32 5.84 -3.63
CA VAL B 22 2.47 5.54 -5.05
C VAL B 22 3.74 4.66 -5.29
N GLN B 23 4.77 4.91 -4.50
CA GLN B 23 6.04 4.17 -4.67
C GLN B 23 5.89 2.65 -4.57
N ILE B 24 4.84 2.17 -3.89
CA ILE B 24 4.72 0.73 -3.73
C ILE B 24 3.91 0.08 -4.85
N LEU B 25 3.27 0.89 -5.71
CA LEU B 25 2.39 0.35 -6.71
C LEU B 25 3.10 -0.03 -7.97
N LYS B 26 2.67 -1.16 -8.54
CA LYS B 26 3.29 -1.69 -9.73
C LYS B 26 2.44 -1.54 -11.01
N GLU B 27 1.12 -1.80 -10.86
CA GLU B 27 0.23 -1.87 -12.01
C GLU B 27 -1.17 -1.96 -11.47
N TRP B 28 -2.16 -1.97 -12.38
CA TRP B 28 -3.55 -2.08 -12.00
C TRP B 28 -4.27 -2.92 -13.07
N TYR B 29 -5.37 -3.53 -12.65
CA TYR B 29 -6.28 -4.16 -13.57
C TYR B 29 -7.70 -4.04 -12.98
N PRO B 30 -8.67 -4.07 -13.85
CA PRO B 30 -10.07 -3.97 -13.35
C PRO B 30 -10.56 -5.30 -12.84
N THR B 31 -11.61 -5.29 -12.05
CA THR B 31 -12.34 -6.48 -11.75
C THR B 31 -13.32 -6.77 -12.89
N SER B 32 -13.82 -8.02 -12.89
CA SER B 32 -14.70 -8.47 -13.97
C SER B 32 -15.94 -7.64 -14.16
N PRO B 33 -16.43 -7.58 -15.40
CA PRO B 33 -17.69 -6.89 -15.67
C PRO B 33 -18.83 -7.60 -15.04
N ALA B 34 -18.59 -8.82 -14.54
CA ALA B 34 -19.66 -9.63 -13.84
C ALA B 34 -19.93 -9.16 -12.44
N CYS B 35 -18.96 -8.44 -11.89
CA CYS B 35 -19.02 -7.96 -10.55
C CYS B 35 -20.19 -7.00 -10.41
N PRO B 36 -20.84 -7.05 -9.26
CA PRO B 36 -21.92 -6.12 -8.98
C PRO B 36 -21.55 -4.63 -9.08
N LYS B 37 -20.39 -4.23 -8.57
CA LYS B 37 -19.99 -2.80 -8.54
C LYS B 37 -18.57 -2.77 -9.16
N PRO B 38 -18.28 -1.83 -10.04
CA PRO B 38 -16.95 -1.75 -10.66
C PRO B 38 -15.85 -1.55 -9.63
N GLY B 39 -14.70 -2.13 -9.88
CA GLY B 39 -13.60 -2.05 -8.97
C GLY B 39 -12.35 -2.10 -9.80
N VAL B 40 -11.27 -1.61 -9.24
CA VAL B 40 -9.93 -1.89 -9.80
C VAL B 40 -9.06 -2.43 -8.71
N ILE B 41 -8.02 -3.15 -9.11
CA ILE B 41 -7.06 -3.69 -8.21
C ILE B 41 -5.80 -2.93 -8.48
N LEU B 42 -5.30 -2.30 -7.43
CA LEU B 42 -3.95 -1.73 -7.47
C LEU B 42 -3.05 -2.78 -6.89
N LEU B 43 -2.07 -3.22 -7.69
CA LEU B 43 -1.23 -4.29 -7.31
C LEU B 43 0.11 -3.73 -6.84
N THR B 44 0.57 -4.14 -5.67
CA THR B 44 1.82 -3.67 -5.16
C THR B 44 2.97 -4.48 -5.58
N LYS B 45 4.16 -3.88 -5.43
CA LYS B 45 5.38 -4.57 -5.76
C LYS B 45 5.58 -5.87 -4.97
N ARG B 46 5.01 -5.89 -3.75
CA ARG B 46 5.11 -7.09 -2.88
C ARG B 46 3.96 -8.07 -3.14
N GLY B 47 3.04 -7.74 -4.03
CA GLY B 47 1.99 -8.65 -4.52
C GLY B 47 0.66 -8.47 -3.85
N ARG B 48 0.53 -7.38 -3.12
CA ARG B 48 -0.70 -7.11 -2.49
C ARG B 48 -1.73 -6.55 -3.46
N GLN B 49 -2.95 -7.09 -3.37
CA GLN B 49 -4.04 -6.64 -4.20
C GLN B 49 -4.92 -5.65 -3.40
N ILE B 50 -5.00 -4.41 -3.83
CA ILE B 50 -5.72 -3.39 -3.11
C ILE B 50 -6.91 -3.00 -3.95
N CYS B 51 -8.13 -3.26 -3.44
CA CYS B 51 -9.36 -2.79 -4.07
C CYS B 51 -9.49 -1.31 -3.93
N ALA B 52 -9.77 -0.70 -5.06
CA ALA B 52 -10.02 0.71 -5.14
C ALA B 52 -11.17 1.04 -6.02
N ASP B 53 -11.77 2.20 -5.78
CA ASP B 53 -13.03 2.59 -6.35
C ASP B 53 -12.77 3.55 -7.51
N PRO B 54 -13.01 3.05 -8.74
CA PRO B 54 -12.72 3.89 -9.94
C PRO B 54 -13.64 5.10 -10.08
N SER B 55 -14.72 5.21 -9.31
CA SER B 55 -15.44 6.45 -9.28
C SER B 55 -14.64 7.60 -8.64
N LYS B 56 -13.57 7.29 -7.92
CA LYS B 56 -12.81 8.32 -7.21
C LYS B 56 -11.67 8.95 -8.06
N ASN B 57 -11.52 10.25 -8.00
CA ASN B 57 -10.51 10.90 -8.80
C ASN B 57 -9.09 10.48 -8.55
N TRP B 58 -8.72 10.29 -7.28
CA TRP B 58 -7.38 9.84 -6.95
C TRP B 58 -7.09 8.46 -7.55
N VAL B 59 -8.10 7.61 -7.58
CA VAL B 59 -8.00 6.30 -8.19
C VAL B 59 -7.80 6.41 -9.70
N ARG B 60 -8.56 7.23 -10.35
CA ARG B 60 -8.43 7.41 -11.78
C ARG B 60 -7.09 8.01 -12.10
N GLN B 61 -6.65 8.94 -11.28
CA GLN B 61 -5.37 9.62 -11.43
C GLN B 61 -4.20 8.63 -11.27
N LEU B 62 -4.30 7.69 -10.29
CA LEU B 62 -3.27 6.63 -10.11
C LEU B 62 -3.27 5.68 -11.27
N MET B 63 -4.45 5.27 -11.68
CA MET B 63 -4.64 4.41 -12.83
C MET B 63 -3.88 4.91 -14.02
N GLN B 64 -4.15 6.14 -14.49
CA GLN B 64 -3.49 6.69 -15.71
C GLN B 64 -1.98 6.82 -15.56
N ARG B 65 -1.50 6.88 -14.34
CA ARG B 65 -0.09 6.92 -14.10
C ARG B 65 0.59 5.55 -13.90
N LEU B 66 -0.19 4.47 -13.84
CA LEU B 66 0.33 3.11 -13.69
C LEU B 66 0.04 2.25 -14.92
N PRO B 67 0.89 1.28 -15.26
CA PRO B 67 0.52 0.37 -16.33
C PRO B 67 -0.72 -0.47 -16.04
N ALA B 68 -1.53 -0.69 -17.07
CA ALA B 68 -2.73 -1.53 -17.00
C ALA B 68 -2.35 -2.89 -17.52
N ILE B 69 -2.27 -3.86 -16.62
CA ILE B 69 -1.70 -5.18 -16.92
C ILE B 69 -2.67 -6.25 -16.53
N ALA B 70 -3.07 -7.06 -17.50
CA ALA B 70 -3.91 -8.23 -17.27
C ALA B 70 -3.29 -9.16 -16.21
N HIS B 71 -4.13 -9.56 -15.25
CA HIS B 71 -3.78 -10.59 -14.28
C HIS B 71 -4.02 -11.92 -14.96
N HIS B 72 -2.96 -12.60 -15.34
CA HIS B 72 -3.04 -13.80 -16.21
C HIS B 72 -1.67 -13.97 -16.84
N VAL C 4 20.94 20.37 -8.14
CA VAL C 4 19.66 19.72 -7.68
C VAL C 4 19.08 20.41 -6.41
N SER C 5 18.62 21.64 -6.57
CA SER C 5 17.90 22.38 -5.52
C SER C 5 17.32 21.56 -4.34
N TYR C 6 16.00 21.41 -4.45
CA TYR C 6 15.06 20.52 -3.79
C TYR C 6 14.89 20.38 -2.26
N THR C 7 13.85 19.61 -1.97
CA THR C 7 13.32 19.35 -0.69
C THR C 7 14.14 18.29 0.18
N PRO C 8 13.97 18.34 1.50
CA PRO C 8 14.47 17.27 2.33
C PRO C 8 13.69 16.00 2.21
N ASN C 9 14.30 14.87 2.57
CA ASN C 9 13.58 13.67 2.65
C ASN C 9 13.58 13.16 4.03
N SER C 10 12.57 12.37 4.33
CA SER C 10 12.36 11.77 5.59
C SER C 10 12.80 10.34 5.56
N CYS C 11 13.82 10.00 6.35
CA CYS C 11 14.45 8.71 6.26
C CYS C 11 14.79 8.14 7.62
N CYS C 12 14.93 6.83 7.67
CA CYS C 12 15.27 6.13 8.92
C CYS C 12 16.73 5.84 9.11
N TYR C 13 17.30 6.33 10.21
CA TYR C 13 18.75 6.20 10.43
C TYR C 13 19.13 5.07 11.34
N GLY C 14 18.18 4.61 12.10
CA GLY C 14 18.25 3.36 12.83
C GLY C 14 16.86 2.79 12.79
N PHE C 15 16.75 1.56 13.26
CA PHE C 15 15.47 0.88 13.27
C PHE C 15 15.12 0.29 14.61
N GLN C 16 13.86 0.25 14.95
CA GLN C 16 13.39 -0.48 16.10
C GLN C 16 13.54 -1.96 15.80
N GLN C 17 14.35 -2.64 16.62
CA GLN C 17 14.68 -4.06 16.46
C GLN C 17 13.72 -5.01 17.12
N HIS C 18 12.91 -4.53 18.05
CA HIS C 18 11.93 -5.31 18.77
C HIS C 18 10.56 -4.97 18.30
N PRO C 19 9.75 -5.96 17.91
CA PRO C 19 8.41 -5.70 17.37
C PRO C 19 7.47 -4.99 18.35
N PRO C 20 6.74 -3.98 17.87
CA PRO C 20 5.74 -3.33 18.67
C PRO C 20 4.45 -4.18 18.72
N PRO C 21 3.63 -3.88 19.70
CA PRO C 21 2.38 -4.58 19.84
C PRO C 21 1.53 -4.28 18.61
N VAL C 22 1.07 -5.32 17.93
CA VAL C 22 0.24 -5.10 16.75
C VAL C 22 -0.97 -4.22 17.04
N GLN C 23 -1.50 -4.36 18.24
CA GLN C 23 -2.68 -3.71 18.63
C GLN C 23 -2.65 -2.18 18.45
N ILE C 24 -1.46 -1.60 18.58
CA ILE C 24 -1.33 -0.16 18.54
C ILE C 24 -1.05 0.40 17.13
N LEU C 25 -0.93 -0.49 16.13
CA LEU C 25 -0.47 -0.12 14.78
C LEU C 25 -1.74 0.16 13.92
N LYS C 26 -1.68 1.25 13.19
CA LYS C 26 -2.74 1.70 12.34
C LYS C 26 -2.49 1.37 10.84
N GLU C 27 -1.30 1.71 10.38
CA GLU C 27 -0.96 1.59 8.98
C GLU C 27 0.56 1.64 8.85
N TRP C 28 1.06 1.42 7.64
CA TRP C 28 2.47 1.68 7.32
C TRP C 28 2.65 2.38 6.00
N TYR C 29 3.85 2.97 5.84
CA TYR C 29 4.19 3.56 4.56
C TYR C 29 5.70 3.55 4.49
N PRO C 30 6.26 3.36 3.30
CA PRO C 30 7.73 3.30 3.12
C PRO C 30 8.28 4.71 3.23
N THR C 31 9.53 4.80 3.56
CA THR C 31 10.25 6.08 3.45
C THR C 31 10.57 6.37 2.01
N SER C 32 11.04 7.56 1.73
CA SER C 32 11.41 7.95 0.37
C SER C 32 12.34 6.98 -0.30
N PRO C 33 12.23 6.72 -1.61
CA PRO C 33 13.16 5.82 -2.27
C PRO C 33 14.56 6.44 -2.38
N ALA C 34 14.63 7.72 -2.10
CA ALA C 34 15.88 8.49 -2.05
C ALA C 34 16.75 8.11 -0.86
N CYS C 35 16.17 7.47 0.16
CA CYS C 35 16.82 7.30 1.45
C CYS C 35 18.01 6.37 1.35
N PRO C 36 19.03 6.61 2.17
CA PRO C 36 20.23 5.79 2.11
C PRO C 36 19.93 4.30 2.43
N LYS C 37 18.95 4.09 3.32
CA LYS C 37 18.63 2.71 3.69
C LYS C 37 17.09 2.57 3.58
N PRO C 38 16.57 1.57 2.87
CA PRO C 38 15.11 1.37 2.75
C PRO C 38 14.46 1.19 4.14
N GLY C 39 13.41 1.91 4.40
CA GLY C 39 12.74 1.85 5.69
C GLY C 39 11.28 1.82 5.47
N VAL C 40 10.58 1.34 6.47
CA VAL C 40 9.16 1.61 6.58
C VAL C 40 8.84 2.22 7.92
N ILE C 41 7.72 2.97 7.91
CA ILE C 41 7.19 3.52 9.10
C ILE C 41 5.97 2.72 9.48
N LEU C 42 6.02 2.17 10.68
CA LEU C 42 4.83 1.56 11.33
C LEU C 42 4.20 2.67 12.11
N LEU C 43 3.04 3.23 11.65
CA LEU C 43 2.43 4.30 12.35
C LEU C 43 1.44 3.82 13.39
N THR C 44 1.53 4.34 14.61
CA THR C 44 0.62 3.87 15.69
C THR C 44 -0.60 4.69 15.65
N LYS C 45 -1.63 4.16 16.35
CA LYS C 45 -2.92 4.84 16.46
C LYS C 45 -2.78 6.21 17.07
N ARG C 46 -1.76 6.40 17.92
CA ARG C 46 -1.53 7.70 18.57
C ARG C 46 -0.66 8.62 17.70
N GLY C 47 -0.18 8.10 16.58
CA GLY C 47 0.49 8.88 15.61
C GLY C 47 1.99 8.83 15.68
N ARG C 48 2.49 7.88 16.43
CA ARG C 48 3.91 7.73 16.57
C ARG C 48 4.41 7.04 15.33
N GLN C 49 5.54 7.52 14.81
CA GLN C 49 6.24 6.92 13.67
C GLN C 49 7.42 6.06 14.10
N ILE C 50 7.28 4.75 13.92
CA ILE C 50 8.32 3.73 14.28
C ILE C 50 9.00 3.29 13.01
N CYS C 51 10.29 3.62 12.94
CA CYS C 51 11.15 3.11 11.89
C CYS C 51 11.33 1.64 12.02
N ALA C 52 11.10 0.91 10.91
CA ALA C 52 11.31 -0.50 10.89
C ALA C 52 12.02 -0.94 9.59
N ASP C 53 12.73 -2.06 9.62
CA ASP C 53 13.48 -2.47 8.46
C ASP C 53 12.76 -3.51 7.64
N PRO C 54 12.32 -3.19 6.43
CA PRO C 54 11.54 -4.16 5.65
C PRO C 54 12.28 -5.37 5.19
N SER C 55 13.59 -5.48 5.44
CA SER C 55 14.34 -6.66 5.13
C SER C 55 14.21 -7.69 6.20
N LYS C 56 13.70 -7.34 7.35
CA LYS C 56 13.34 -8.27 8.39
C LYS C 56 11.99 -8.96 8.18
N ASN C 57 11.98 -10.25 8.38
CA ASN C 57 10.75 -11.04 8.21
C ASN C 57 9.64 -10.56 9.08
N TRP C 58 9.96 -10.20 10.33
CA TRP C 58 8.89 -9.76 11.25
C TRP C 58 8.21 -8.48 10.82
N VAL C 59 8.98 -7.61 10.18
CA VAL C 59 8.49 -6.38 9.67
C VAL C 59 7.64 -6.65 8.44
N ARG C 60 8.09 -7.51 7.56
CA ARG C 60 7.29 -7.90 6.41
C ARG C 60 5.98 -8.43 6.80
N GLN C 61 5.97 -9.34 7.76
CA GLN C 61 4.71 -9.85 8.29
C GLN C 61 3.76 -8.82 8.87
N LEU C 62 4.26 -7.86 9.66
CA LEU C 62 3.41 -6.81 10.20
C LEU C 62 2.87 -5.97 9.04
N MET C 63 3.73 -5.74 8.05
CA MET C 63 3.34 -4.94 6.88
C MET C 63 2.16 -5.64 6.20
N GLN C 64 2.28 -6.95 6.00
CA GLN C 64 1.28 -7.70 5.28
C GLN C 64 -0.11 -7.53 5.89
N ARG C 65 -0.14 -7.45 7.21
CA ARG C 65 -1.39 -7.37 7.96
C ARG C 65 -1.86 -5.92 8.28
N LEU C 66 -1.21 -4.89 7.76
CA LEU C 66 -1.65 -3.51 7.95
C LEU C 66 -1.87 -2.84 6.61
N PRO C 67 -2.75 -1.85 6.56
CA PRO C 67 -2.96 -1.09 5.34
C PRO C 67 -1.76 -0.20 4.98
N ALA C 68 -1.48 -0.13 3.70
CA ALA C 68 -0.38 0.74 3.21
C ALA C 68 -1.08 2.07 2.85
N ILE C 69 -0.80 3.11 3.62
CA ILE C 69 -1.41 4.39 3.47
C ILE C 69 -0.39 5.49 3.27
N ALA C 70 -0.53 6.22 2.19
CA ALA C 70 0.27 7.40 1.87
C ALA C 70 0.21 8.41 3.01
N HIS C 71 1.36 8.94 3.39
CA HIS C 71 1.44 9.92 4.43
C HIS C 71 1.79 11.26 3.81
N HIS C 72 1.12 12.28 4.31
CA HIS C 72 1.50 13.68 4.11
C HIS C 72 0.90 14.43 5.32
N VAL D 4 16.21 -0.89 19.00
CA VAL D 4 15.43 0.14 19.85
C VAL D 4 15.09 1.52 19.22
N SER D 5 15.59 1.78 18.01
CA SER D 5 15.49 3.09 17.38
C SER D 5 14.06 3.60 17.17
N TYR D 6 13.96 4.77 16.52
CA TYR D 6 12.86 5.65 16.77
C TYR D 6 12.25 6.17 15.44
N THR D 7 12.35 7.44 15.26
CA THR D 7 11.54 8.16 14.34
C THR D 7 12.40 8.48 13.15
N PRO D 8 11.81 8.75 11.99
CA PRO D 8 12.59 9.25 10.85
C PRO D 8 13.15 10.63 11.06
N ASN D 9 14.22 10.92 10.32
CA ASN D 9 14.80 12.23 10.27
C ASN D 9 14.67 12.93 8.93
N SER D 10 14.32 14.20 8.95
CA SER D 10 14.26 14.95 7.75
C SER D 10 15.61 15.61 7.45
N CYS D 11 16.18 15.24 6.32
CA CYS D 11 17.51 15.62 5.96
C CYS D 11 17.61 16.07 4.51
N CYS D 12 18.64 16.89 4.26
CA CYS D 12 18.93 17.40 2.96
C CYS D 12 19.89 16.53 2.22
N TYR D 13 19.46 15.95 1.10
CA TYR D 13 20.33 15.20 0.21
C TYR D 13 20.58 16.06 -1.01
N GLY D 14 21.34 17.14 -0.76
CA GLY D 14 21.73 18.11 -1.79
C GLY D 14 21.18 19.45 -1.42
N PHE D 15 21.80 20.48 -1.98
CA PHE D 15 21.47 21.86 -1.63
C PHE D 15 21.25 22.65 -2.90
N GLN D 16 20.29 23.54 -2.83
CA GLN D 16 20.11 24.55 -3.87
C GLN D 16 21.27 25.53 -3.80
N GLN D 17 22.09 25.57 -4.88
CA GLN D 17 23.22 26.49 -4.90
C GLN D 17 23.03 27.83 -5.51
N HIS D 18 21.85 28.06 -6.10
CA HIS D 18 21.54 29.35 -6.60
C HIS D 18 20.58 29.90 -5.58
N PRO D 19 20.88 31.06 -5.00
CA PRO D 19 19.96 31.64 -4.03
C PRO D 19 18.51 31.83 -4.52
N PRO D 20 17.54 31.55 -3.65
CA PRO D 20 16.13 31.90 -3.91
C PRO D 20 15.86 33.38 -3.80
N PRO D 21 14.77 33.83 -4.37
CA PRO D 21 14.36 35.22 -4.23
C PRO D 21 14.09 35.48 -2.77
N VAL D 22 14.76 36.46 -2.17
CA VAL D 22 14.58 36.73 -0.72
C VAL D 22 13.08 36.99 -0.43
N GLN D 23 12.39 37.63 -1.38
CA GLN D 23 11.02 37.98 -1.28
C GLN D 23 10.08 36.86 -0.82
N ILE D 24 10.35 35.64 -1.22
CA ILE D 24 9.45 34.49 -0.95
C ILE D 24 9.75 33.76 0.37
N LEU D 25 10.87 34.13 1.01
CA LEU D 25 11.34 33.47 2.19
C LEU D 25 10.63 33.96 3.48
N LYS D 26 10.22 33.00 4.29
CA LYS D 26 9.48 33.27 5.48
C LYS D 26 10.37 33.12 6.72
N GLU D 27 11.08 32.00 6.81
CA GLU D 27 11.85 31.69 8.00
C GLU D 27 12.74 30.54 7.69
N TRP D 28 13.51 30.10 8.67
CA TRP D 28 14.35 28.98 8.49
C TRP D 28 14.42 28.14 9.77
N TYR D 29 14.90 26.91 9.57
CA TYR D 29 15.25 26.00 10.66
C TYR D 29 16.25 25.00 10.13
N PRO D 30 17.09 24.51 11.00
CA PRO D 30 18.03 23.43 10.66
C PRO D 30 17.38 22.07 10.48
N THR D 31 18.05 21.18 9.77
CA THR D 31 17.60 19.76 9.72
C THR D 31 17.93 19.11 11.06
N SER D 32 17.46 17.87 11.28
CA SER D 32 17.70 17.19 12.57
C SER D 32 19.16 17.07 12.86
N PRO D 33 19.51 17.14 14.14
CA PRO D 33 20.88 17.01 14.51
C PRO D 33 21.29 15.58 14.23
N ALA D 34 20.30 14.69 14.12
CA ALA D 34 20.69 13.27 13.79
C ALA D 34 21.12 13.01 12.30
N CYS D 35 20.96 14.00 11.44
CA CYS D 35 21.34 13.88 10.03
C CYS D 35 22.86 13.81 9.96
N PRO D 36 23.39 12.97 9.10
CA PRO D 36 24.83 12.87 9.01
C PRO D 36 25.51 14.14 8.53
N LYS D 37 24.81 14.92 7.73
CA LYS D 37 25.34 16.18 7.25
C LYS D 37 24.36 17.25 7.61
N PRO D 38 24.86 18.36 8.11
CA PRO D 38 24.01 19.47 8.50
C PRO D 38 23.41 20.28 7.35
N GLY D 39 22.19 20.70 7.49
CA GLY D 39 21.58 21.54 6.48
C GLY D 39 20.64 22.51 7.12
N VAL D 40 20.26 23.50 6.33
CA VAL D 40 19.14 24.37 6.72
C VAL D 40 17.97 24.26 5.72
N ILE D 41 16.78 24.42 6.25
CA ILE D 41 15.59 24.60 5.45
C ILE D 41 15.24 26.07 5.44
N LEU D 42 15.25 26.62 4.23
CA LEU D 42 14.64 27.92 3.96
C LEU D 42 13.20 27.66 3.62
N LEU D 43 12.27 28.20 4.42
CA LEU D 43 10.86 27.91 4.22
C LEU D 43 10.26 29.10 3.52
N THR D 44 9.61 28.89 2.38
CA THR D 44 8.91 29.99 1.71
C THR D 44 7.53 30.27 2.27
N LYS D 45 6.98 31.41 1.89
CA LYS D 45 5.62 31.83 2.30
C LYS D 45 4.56 30.85 1.81
N ARG D 46 4.81 30.21 0.66
CA ARG D 46 3.95 29.13 0.12
C ARG D 46 4.24 27.71 0.67
N GLY D 47 5.18 27.58 1.59
CA GLY D 47 5.40 26.29 2.26
C GLY D 47 6.45 25.38 1.68
N ARG D 48 7.14 25.83 0.62
CA ARG D 48 8.19 25.05 0.01
C ARG D 48 9.33 25.02 0.99
N GLN D 49 9.91 23.84 1.17
CA GLN D 49 11.12 23.62 1.95
C GLN D 49 12.28 23.57 1.00
N ILE D 50 13.15 24.58 1.06
CA ILE D 50 14.38 24.64 0.27
C ILE D 50 15.57 24.28 1.13
N CYS D 51 16.17 23.15 0.77
CA CYS D 51 17.45 22.79 1.33
C CYS D 51 18.57 23.73 0.95
N ALA D 52 19.27 24.29 1.96
CA ALA D 52 20.38 25.17 1.72
C ALA D 52 21.55 24.77 2.57
N ASP D 53 22.74 25.20 2.17
CA ASP D 53 23.97 24.76 2.80
C ASP D 53 24.64 25.78 3.71
N PRO D 54 24.62 25.53 5.03
CA PRO D 54 25.08 26.54 6.01
C PRO D 54 26.57 26.87 5.96
N SER D 55 27.38 26.12 5.21
CA SER D 55 28.73 26.58 4.87
C SER D 55 28.71 27.93 4.18
N LYS D 56 27.78 28.08 3.25
CA LYS D 56 27.75 29.16 2.31
C LYS D 56 27.43 30.49 2.95
N ASN D 57 28.25 31.48 2.65
CA ASN D 57 28.02 32.81 3.18
C ASN D 57 26.69 33.40 2.78
N TRP D 58 26.17 33.09 1.59
CA TRP D 58 24.88 33.64 1.19
C TRP D 58 23.75 33.01 2.02
N VAL D 59 23.95 31.75 2.38
CA VAL D 59 22.94 31.01 3.15
C VAL D 59 23.00 31.54 4.56
N ARG D 60 24.22 31.67 5.08
CA ARG D 60 24.42 32.19 6.42
C ARG D 60 23.91 33.63 6.52
N GLN D 61 24.03 34.40 5.45
CA GLN D 61 23.63 35.79 5.53
C GLN D 61 22.14 35.88 5.32
N LEU D 62 21.59 34.84 4.71
CA LEU D 62 20.15 34.80 4.44
C LEU D 62 19.45 34.34 5.73
N MET D 63 20.06 33.36 6.39
CA MET D 63 19.64 32.92 7.72
C MET D 63 19.62 34.12 8.64
N GLN D 64 20.76 34.79 8.79
CA GLN D 64 20.91 36.00 9.63
C GLN D 64 19.76 37.00 9.49
N ARG D 65 19.22 37.14 8.29
CA ARG D 65 18.15 38.09 8.04
C ARG D 65 16.75 37.50 8.05
N LEU D 66 16.61 36.22 8.39
CA LEU D 66 15.32 35.61 8.51
C LEU D 66 15.12 35.09 9.93
N PRO D 67 13.87 35.02 10.40
CA PRO D 67 13.60 34.38 11.70
C PRO D 67 13.91 32.86 11.73
N ALA D 68 14.51 32.44 12.84
CA ALA D 68 14.73 31.03 13.14
C ALA D 68 13.55 30.46 13.87
N ILE D 69 12.79 29.58 13.21
CA ILE D 69 11.48 29.19 13.75
C ILE D 69 11.39 27.73 13.62
N ALA D 70 11.18 27.01 14.73
CA ALA D 70 10.97 25.54 14.71
C ALA D 70 9.79 25.12 13.83
N HIS D 71 10.07 24.14 12.97
CA HIS D 71 9.08 23.36 12.21
C HIS D 71 7.78 23.29 13.00
N HIS D 72 6.74 23.98 12.48
CA HIS D 72 5.49 24.27 13.20
C HIS D 72 4.66 23.08 13.66
#